data_5M4W
#
_entry.id   5M4W
#
_entity_poly.entity_id   1
_entity_poly.type   'polydeoxyribonucleotide'
_entity_poly.pdbx_seq_one_letter_code
;(DG)(DC)(DG)(DA)(DG)(DG)(DG)(DA)(DG)(DC)(DI)(DA)(DG)(DG)(DG)
;
_entity_poly.pdbx_strand_id   A,B
#
loop_
_chem_comp.id
_chem_comp.type
_chem_comp.name
_chem_comp.formula
DA DNA linking 2'-DEOXYADENOSINE-5'-MONOPHOSPHATE 'C10 H14 N5 O6 P'
DC DNA linking 2'-DEOXYCYTIDINE-5'-MONOPHOSPHATE 'C9 H14 N3 O7 P'
DG DNA linking 2'-DEOXYGUANOSINE-5'-MONOPHOSPHATE 'C10 H14 N5 O7 P'
DI DNA linking 2'-DEOXYINOSINE-5'-MONOPHOSPHATE 'C10 H13 N4 O7 P'
#